data_1JI6
#
_entry.id   1JI6
#
_cell.length_a   122.440
_cell.length_b   131.810
_cell.length_c   105.700
_cell.angle_alpha   90.00
_cell.angle_beta   90.00
_cell.angle_gamma   90.00
#
_symmetry.space_group_name_H-M   'C 2 2 21'
#
loop_
_entity.id
_entity.type
_entity.pdbx_description
1 polymer 'PESTICIDIAL CRYSTAL PROTEIN CRY3BB'
2 water water
#
_entity_poly.entity_id   1
_entity_poly.type   'polypeptide(L)'
_entity_poly.pdbx_seq_one_letter_code
;DAVGTGISVVGQILGVVGVPFAGALTSFYQSFLNTIWPSDADPWKAFMAQVEVLIDKKIEEYAKSKALAELQGLQNNFED
YVNALNSWKKTPLSLRSKRSQDRIRELFSQAESHFRNSMPSFAVSKFEVLFLPTYAQAANTHLLLLKDAQVFGEEWGYSS
EDVAEFYHRQLKLTQQYTDHCVNWYNVGLNGLRGSTYDAWVKFNRFRREMTLTVLDLIVLFPFYDIRLYSKGVKTELTRD
IFTDPIFSLNTLQEYGPTFLSIENSIRKPHLFDYLQGIEFHTRLQPGYFGKDSFNYWSGNYVETRPSIGSSKTITSPFYG
DKSTEPVQKLSFDGQKVYRTIANTDVAAWPNGKVYLGVTKVDFSQYDDQKNETSTQTYDSKRNNGHVSAQDSIDQLPPET
TDEPLEKAYSHQLNYAECFLMQDRRGTIPFFTWTHRSVDFFNTIDAEKITQLPVVKAYALSSGASIIEGPGFTGGNLLFL
KESSNSIAKFKVTLNSAALLQRYRVRIRYASTTNLRLFVQNSNNDFLVIYINKTMNKDDDLTYQTFDLATTNSNMGFSGD
KNELIIGAESFVSNEKIYIDKIEFIPVQL
;
_entity_poly.pdbx_strand_id   A
#
# COMPACT_ATOMS: atom_id res chain seq x y z
N ASP A 1 9.83 -8.13 13.94
CA ASP A 1 9.92 -6.66 13.69
C ASP A 1 8.49 -6.15 13.43
N ALA A 2 8.15 -4.95 13.89
CA ALA A 2 6.81 -4.42 13.69
C ALA A 2 6.46 -4.29 12.19
N VAL A 3 7.32 -3.63 11.43
CA VAL A 3 7.12 -3.47 9.99
C VAL A 3 7.03 -4.82 9.29
N GLY A 4 7.95 -5.74 9.60
CA GLY A 4 7.93 -7.06 8.97
C GLY A 4 6.65 -7.86 9.22
N THR A 5 6.06 -7.68 10.41
CA THR A 5 4.83 -8.39 10.76
C THR A 5 3.75 -7.71 9.96
N GLY A 6 3.72 -6.39 10.00
CA GLY A 6 2.73 -5.61 9.26
C GLY A 6 2.68 -6.03 7.80
N ILE A 7 3.85 -6.04 7.18
CA ILE A 7 4.01 -6.41 5.79
C ILE A 7 3.54 -7.82 5.60
N SER A 8 3.80 -8.68 6.57
CA SER A 8 3.41 -10.06 6.43
C SER A 8 1.90 -10.26 6.54
N VAL A 9 1.27 -9.52 7.43
CA VAL A 9 -0.18 -9.58 7.65
C VAL A 9 -0.91 -9.06 6.39
N VAL A 10 -0.48 -7.91 5.86
CA VAL A 10 -1.10 -7.34 4.67
C VAL A 10 -0.97 -8.28 3.48
N GLY A 11 0.06 -9.11 3.47
CA GLY A 11 0.22 -10.09 2.42
C GLY A 11 -0.75 -11.23 2.63
N GLN A 12 -1.01 -11.62 3.88
CA GLN A 12 -1.95 -12.73 4.16
C GLN A 12 -3.39 -12.32 3.87
N ILE A 13 -3.77 -11.14 4.36
CA ILE A 13 -5.10 -10.60 4.14
C ILE A 13 -5.38 -10.36 2.62
N LEU A 14 -4.43 -9.78 1.87
CA LEU A 14 -4.62 -9.55 0.44
C LEU A 14 -5.01 -10.85 -0.27
N GLY A 15 -4.38 -11.95 0.13
CA GLY A 15 -4.70 -13.21 -0.47
C GLY A 15 -6.02 -13.78 0.01
N VAL A 16 -6.33 -13.62 1.30
CA VAL A 16 -7.58 -14.14 1.85
C VAL A 16 -8.78 -13.43 1.23
N VAL A 17 -8.62 -12.14 1.00
CA VAL A 17 -9.66 -11.32 0.40
C VAL A 17 -9.99 -11.77 -1.04
N GLY A 18 -9.06 -12.47 -1.66
CA GLY A 18 -9.23 -12.96 -3.01
C GLY A 18 -9.93 -14.30 -3.03
N VAL A 19 -10.29 -14.78 -1.85
CA VAL A 19 -10.97 -16.06 -1.71
C VAL A 19 -12.42 -15.75 -1.38
N PRO A 20 -13.34 -16.50 -1.96
CA PRO A 20 -14.76 -16.27 -1.70
C PRO A 20 -15.02 -16.20 -0.21
N PHE A 21 -15.90 -15.29 0.16
CA PHE A 21 -16.29 -15.05 1.53
C PHE A 21 -15.13 -14.62 2.39
N ALA A 22 -14.18 -13.91 1.78
CA ALA A 22 -13.00 -13.46 2.48
C ALA A 22 -12.35 -14.69 3.17
N GLY A 23 -12.24 -15.79 2.42
CA GLY A 23 -11.62 -17.00 2.91
C GLY A 23 -12.21 -17.61 4.16
N ALA A 24 -13.44 -17.24 4.50
CA ALA A 24 -14.10 -17.73 5.71
C ALA A 24 -14.24 -19.22 5.77
N LEU A 25 -14.12 -19.92 4.62
CA LEU A 25 -14.25 -21.37 4.63
C LEU A 25 -12.94 -22.12 4.48
N THR A 26 -11.82 -21.41 4.63
CA THR A 26 -10.49 -22.02 4.52
C THR A 26 -9.82 -22.08 5.91
N SER A 27 -8.53 -22.40 5.95
CA SER A 27 -7.85 -22.49 7.25
C SER A 27 -6.96 -21.29 7.57
N PHE A 28 -7.25 -20.17 6.92
CA PHE A 28 -6.53 -18.94 7.13
C PHE A 28 -6.31 -18.65 8.60
N TYR A 29 -7.34 -18.78 9.44
CA TYR A 29 -7.18 -18.46 10.86
C TYR A 29 -5.98 -19.05 11.57
N GLN A 30 -5.51 -20.20 11.09
CA GLN A 30 -4.34 -20.85 11.68
C GLN A 30 -3.09 -20.00 11.45
N SER A 31 -2.86 -19.53 10.22
CA SER A 31 -1.70 -18.71 9.94
C SER A 31 -1.83 -17.39 10.68
N PHE A 32 -3.02 -16.79 10.56
CA PHE A 32 -3.30 -15.53 11.21
C PHE A 32 -3.02 -15.60 12.74
N LEU A 33 -3.35 -16.70 13.40
CA LEU A 33 -3.07 -16.86 14.84
C LEU A 33 -1.57 -16.85 15.12
N ASN A 34 -0.82 -17.64 14.35
CA ASN A 34 0.62 -17.69 14.57
C ASN A 34 1.27 -16.33 14.40
N THR A 35 0.80 -15.58 13.41
CA THR A 35 1.38 -14.30 13.12
C THR A 35 0.95 -13.12 14.00
N ILE A 36 -0.33 -12.92 14.22
CA ILE A 36 -0.79 -11.79 15.04
C ILE A 36 -1.21 -12.17 16.49
N TRP A 37 -1.80 -13.34 16.69
CA TRP A 37 -2.23 -13.71 18.04
C TRP A 37 -1.49 -14.87 18.72
N PRO A 38 -0.14 -14.82 18.72
CA PRO A 38 0.63 -15.89 19.35
C PRO A 38 0.50 -15.76 20.87
N SER A 39 0.64 -16.89 21.57
CA SER A 39 0.52 -16.94 23.03
C SER A 39 1.40 -15.97 23.82
N ASP A 40 2.67 -15.82 23.42
CA ASP A 40 3.58 -14.92 24.12
C ASP A 40 3.32 -13.41 23.92
N ALA A 41 2.46 -13.07 22.97
CA ALA A 41 2.12 -11.67 22.68
C ALA A 41 3.31 -10.80 22.32
N ASP A 42 4.31 -11.40 21.70
CA ASP A 42 5.49 -10.65 21.28
C ASP A 42 5.13 -9.54 20.28
N PRO A 43 4.34 -9.88 19.25
CA PRO A 43 3.94 -8.89 18.24
C PRO A 43 3.47 -7.56 18.82
N TRP A 44 2.63 -7.64 19.85
CA TRP A 44 2.06 -6.46 20.47
C TRP A 44 3.07 -5.52 21.08
N LYS A 45 4.00 -6.07 21.83
CA LYS A 45 5.02 -5.26 22.47
C LYS A 45 5.78 -4.50 21.41
N ALA A 46 5.88 -5.10 20.23
CA ALA A 46 6.56 -4.50 19.07
C ALA A 46 5.76 -3.33 18.49
N PHE A 47 4.46 -3.49 18.37
CA PHE A 47 3.63 -2.41 17.87
C PHE A 47 3.56 -1.31 18.92
N MET A 48 3.49 -1.71 20.20
CA MET A 48 3.43 -0.80 21.33
C MET A 48 4.70 0.04 21.45
N ALA A 49 5.80 -0.46 20.89
CA ALA A 49 7.10 0.22 20.95
C ALA A 49 7.49 0.93 19.65
N GLN A 50 6.79 0.54 18.58
CA GLN A 50 7.07 1.07 17.27
C GLN A 50 6.97 2.57 17.11
N VAL A 51 5.92 3.15 17.64
CA VAL A 51 5.74 4.56 17.44
C VAL A 51 6.49 5.42 18.47
N GLU A 52 6.72 4.87 19.66
CA GLU A 52 7.45 5.59 20.68
C GLU A 52 8.76 6.02 20.03
N VAL A 53 9.36 5.06 19.32
CA VAL A 53 10.64 5.25 18.59
C VAL A 53 10.54 6.27 17.42
N LEU A 54 9.35 6.42 16.84
CA LEU A 54 9.15 7.35 15.72
C LEU A 54 8.86 8.78 16.14
N ILE A 55 8.04 8.99 17.15
CA ILE A 55 7.78 10.37 17.54
C ILE A 55 8.64 10.70 18.74
N ASP A 56 9.37 9.71 19.22
CA ASP A 56 10.23 9.88 20.38
C ASP A 56 9.49 10.27 21.68
N LYS A 57 8.46 9.64 21.90
CA LYS A 57 7.56 9.80 23.05
C LYS A 57 7.27 8.44 23.65
N LYS A 58 6.55 8.54 24.77
CA LYS A 58 6.27 7.26 25.44
C LYS A 58 4.83 7.22 25.97
N ILE A 59 4.35 6.00 26.05
CA ILE A 59 3.02 5.67 26.60
C ILE A 59 3.18 5.37 28.09
N GLU A 60 2.48 6.05 28.91
CA GLU A 60 2.66 5.80 30.31
C GLU A 60 2.45 4.34 30.63
N GLU A 61 3.09 3.89 31.69
CA GLU A 61 3.01 2.51 32.15
C GLU A 61 1.57 2.03 32.37
N TYR A 62 0.75 2.80 33.09
CA TYR A 62 -0.63 2.39 33.34
C TYR A 62 -1.29 2.00 32.05
N ALA A 63 -1.35 2.96 31.13
CA ALA A 63 -1.99 2.81 29.85
C ALA A 63 -1.43 1.62 29.07
N LYS A 64 -0.12 1.45 29.12
CA LYS A 64 0.56 0.40 28.39
C LYS A 64 0.31 -1.02 28.95
N SER A 65 0.16 -1.17 30.26
CA SER A 65 -0.07 -2.52 30.78
C SER A 65 -1.53 -2.92 30.66
N LYS A 66 -2.40 -1.94 30.76
CA LYS A 66 -3.84 -2.18 30.63
C LYS A 66 -4.07 -2.74 29.21
N ALA A 67 -3.44 -2.10 28.22
CA ALA A 67 -3.57 -2.53 26.84
C ALA A 67 -3.07 -3.96 26.68
N LEU A 68 -1.88 -4.28 27.16
CA LEU A 68 -1.39 -5.66 27.03
C LEU A 68 -2.32 -6.69 27.70
N ALA A 69 -3.00 -6.27 28.76
CA ALA A 69 -3.93 -7.13 29.48
C ALA A 69 -5.17 -7.42 28.63
N GLU A 70 -5.78 -6.36 28.10
CA GLU A 70 -6.95 -6.51 27.25
C GLU A 70 -6.60 -7.41 26.11
N LEU A 71 -5.40 -7.20 25.57
CA LEU A 71 -4.88 -8.01 24.46
C LEU A 71 -4.69 -9.48 24.85
N GLN A 72 -4.38 -9.76 26.12
CA GLN A 72 -4.22 -11.14 26.55
C GLN A 72 -5.57 -11.83 26.56
N GLY A 73 -6.57 -11.14 27.08
CA GLY A 73 -7.91 -11.70 27.11
C GLY A 73 -8.48 -11.92 25.70
N LEU A 74 -8.19 -11.00 24.80
CA LEU A 74 -8.64 -11.08 23.43
C LEU A 74 -8.02 -12.26 22.69
N GLN A 75 -6.73 -12.45 22.85
CA GLN A 75 -6.06 -13.56 22.17
C GLN A 75 -6.70 -14.86 22.61
N ASN A 76 -6.97 -14.97 23.89
CA ASN A 76 -7.57 -16.18 24.42
C ASN A 76 -8.95 -16.47 23.80
N ASN A 77 -9.87 -15.52 23.95
CA ASN A 77 -11.22 -15.64 23.41
C ASN A 77 -11.20 -16.01 21.93
N PHE A 78 -10.40 -15.25 21.18
CA PHE A 78 -10.26 -15.42 19.76
C PHE A 78 -9.72 -16.78 19.39
N GLU A 79 -8.70 -17.24 20.10
CA GLU A 79 -8.16 -18.56 19.79
C GLU A 79 -9.22 -19.62 20.16
N ASP A 80 -9.90 -19.41 21.28
CA ASP A 80 -10.93 -20.32 21.73
C ASP A 80 -11.92 -20.50 20.61
N TYR A 81 -12.40 -19.38 20.09
CA TYR A 81 -13.37 -19.34 18.99
C TYR A 81 -12.87 -20.06 17.76
N VAL A 82 -11.67 -19.74 17.30
CA VAL A 82 -11.15 -20.40 16.11
C VAL A 82 -11.16 -21.92 16.18
N ASN A 83 -10.88 -22.46 17.38
CA ASN A 83 -10.87 -23.91 17.58
C ASN A 83 -12.27 -24.47 17.56
N ALA A 84 -13.19 -23.79 18.21
CA ALA A 84 -14.57 -24.22 18.16
C ALA A 84 -15.01 -24.16 16.69
N LEU A 85 -14.45 -23.21 15.93
CA LEU A 85 -14.83 -23.06 14.52
C LEU A 85 -14.31 -24.15 13.62
N ASN A 86 -13.08 -24.58 13.80
CA ASN A 86 -12.57 -25.64 12.93
C ASN A 86 -13.41 -26.91 13.10
N SER A 87 -13.85 -27.14 14.33
CA SER A 87 -14.69 -28.28 14.70
C SER A 87 -15.97 -28.19 13.90
N TRP A 88 -16.70 -27.10 14.11
CA TRP A 88 -17.96 -26.83 13.42
C TRP A 88 -17.88 -27.05 11.93
N LYS A 89 -16.81 -26.54 11.34
CA LYS A 89 -16.63 -26.68 9.92
C LYS A 89 -16.48 -28.12 9.49
N LYS A 90 -15.83 -28.94 10.33
CA LYS A 90 -15.60 -30.36 10.05
C LYS A 90 -16.77 -31.27 10.33
N THR A 91 -17.70 -30.82 11.16
CA THR A 91 -18.85 -31.64 11.53
C THR A 91 -19.86 -31.88 10.43
N PRO A 92 -20.12 -33.17 10.09
CA PRO A 92 -21.11 -33.44 9.05
C PRO A 92 -22.41 -32.80 9.52
N LEU A 93 -23.24 -32.34 8.59
CA LEU A 93 -24.53 -31.71 8.90
C LEU A 93 -25.28 -32.59 9.86
N SER A 94 -25.47 -33.85 9.45
CA SER A 94 -26.17 -34.86 10.24
C SER A 94 -25.67 -34.97 11.69
N LEU A 95 -24.43 -34.60 11.94
CA LEU A 95 -23.90 -34.71 13.28
C LEU A 95 -23.88 -33.43 14.08
N ARG A 96 -24.38 -32.33 13.49
CA ARG A 96 -24.42 -31.06 14.21
C ARG A 96 -25.59 -31.00 15.20
N SER A 97 -25.27 -30.76 16.48
CA SER A 97 -26.29 -30.71 17.52
C SER A 97 -26.59 -29.32 18.01
N LYS A 98 -27.65 -29.19 18.78
CA LYS A 98 -28.03 -27.90 19.36
C LYS A 98 -26.95 -27.49 20.34
N ARG A 99 -26.30 -28.48 20.92
CA ARG A 99 -25.23 -28.24 21.88
C ARG A 99 -24.11 -27.51 21.11
N SER A 100 -23.78 -28.00 19.92
CA SER A 100 -22.73 -27.38 19.10
C SER A 100 -23.12 -25.95 18.80
N GLN A 101 -24.33 -25.76 18.28
CA GLN A 101 -24.85 -24.44 17.95
C GLN A 101 -24.76 -23.45 19.08
N ASP A 102 -25.45 -23.76 20.17
CA ASP A 102 -25.44 -22.93 21.36
C ASP A 102 -24.00 -22.56 21.75
N ARG A 103 -23.12 -23.56 21.75
CA ARG A 103 -21.73 -23.35 22.12
C ARG A 103 -20.95 -22.44 21.15
N ILE A 104 -20.89 -22.78 19.87
CA ILE A 104 -20.18 -21.94 18.92
C ILE A 104 -20.70 -20.47 19.00
N ARG A 105 -22.02 -20.25 19.07
CA ARG A 105 -22.55 -18.88 19.18
C ARG A 105 -22.01 -18.16 20.40
N GLU A 106 -22.14 -18.79 21.56
CA GLU A 106 -21.67 -18.26 22.84
C GLU A 106 -20.22 -17.76 22.77
N LEU A 107 -19.42 -18.47 22.00
CA LEU A 107 -18.03 -18.12 21.81
C LEU A 107 -17.93 -16.95 20.87
N PHE A 108 -18.71 -16.97 19.80
CA PHE A 108 -18.65 -15.89 18.87
C PHE A 108 -19.04 -14.59 19.56
N SER A 109 -20.17 -14.58 20.26
CA SER A 109 -20.64 -13.36 20.92
C SER A 109 -19.68 -12.85 21.96
N GLN A 110 -18.89 -13.76 22.51
CA GLN A 110 -17.89 -13.44 23.54
C GLN A 110 -16.65 -12.75 22.93
N ALA A 111 -16.12 -13.34 21.87
CA ALA A 111 -14.97 -12.77 21.22
C ALA A 111 -15.36 -11.39 20.68
N GLU A 112 -16.44 -11.35 19.91
CA GLU A 112 -16.93 -10.11 19.29
C GLU A 112 -17.22 -9.00 20.28
N SER A 113 -17.91 -9.34 21.36
CA SER A 113 -18.24 -8.38 22.39
C SER A 113 -17.00 -7.92 23.14
N HIS A 114 -16.12 -8.84 23.51
CA HIS A 114 -14.92 -8.46 24.21
C HIS A 114 -14.16 -7.51 23.30
N PHE A 115 -14.11 -7.81 22.02
CA PHE A 115 -13.39 -6.94 21.10
C PHE A 115 -14.04 -5.58 21.04
N ARG A 116 -15.37 -5.58 20.91
CA ARG A 116 -16.12 -4.34 20.82
C ARG A 116 -15.82 -3.41 21.97
N ASN A 117 -15.80 -3.95 23.18
CA ASN A 117 -15.54 -3.15 24.36
C ASN A 117 -14.06 -2.87 24.69
N SER A 118 -13.12 -3.63 24.12
CA SER A 118 -11.69 -3.38 24.37
C SER A 118 -11.13 -2.18 23.62
N MET A 119 -11.56 -1.98 22.37
CA MET A 119 -11.05 -0.91 21.51
C MET A 119 -10.59 0.38 22.18
N PRO A 120 -11.35 0.90 23.14
CA PRO A 120 -10.86 2.15 23.75
C PRO A 120 -9.48 2.04 24.41
N SER A 121 -9.13 0.86 24.94
CA SER A 121 -7.82 0.64 25.56
C SER A 121 -6.64 0.96 24.62
N PHE A 122 -6.87 0.99 23.31
CA PHE A 122 -5.80 1.26 22.36
C PHE A 122 -6.03 2.61 21.69
N ALA A 123 -6.84 3.43 22.32
CA ALA A 123 -7.19 4.74 21.76
C ALA A 123 -7.28 5.71 22.94
N VAL A 124 -6.45 5.48 23.93
CA VAL A 124 -6.38 6.30 25.14
C VAL A 124 -6.17 7.78 24.82
N SER A 125 -6.58 8.64 25.75
CA SER A 125 -6.45 10.10 25.60
C SER A 125 -4.96 10.50 25.55
N LYS A 126 -4.61 11.39 24.63
CA LYS A 126 -3.23 11.84 24.48
C LYS A 126 -2.28 10.68 24.11
N PHE A 127 -2.83 9.58 23.54
CA PHE A 127 -1.93 8.47 23.18
C PHE A 127 -2.45 7.76 21.96
N GLU A 128 -2.81 8.77 20.99
CA GLU A 128 -3.46 8.14 19.83
C GLU A 128 -2.41 7.79 18.77
N VAL A 129 -1.51 8.73 18.49
CA VAL A 129 -0.47 8.47 17.49
C VAL A 129 0.39 7.29 17.92
N LEU A 130 0.58 7.14 19.32
CA LEU A 130 1.51 6.07 19.74
C LEU A 130 0.79 4.69 19.76
N PHE A 131 -0.50 4.62 20.05
CA PHE A 131 -1.20 3.28 20.03
C PHE A 131 -1.61 2.87 18.60
N LEU A 132 -1.39 3.60 17.51
CA LEU A 132 -1.87 3.37 16.15
C LEU A 132 -1.83 1.97 15.53
N PRO A 133 -0.65 1.37 15.44
CA PRO A 133 -0.58 0.02 14.85
C PRO A 133 -1.36 -1.01 15.65
N THR A 134 -1.30 -0.90 16.97
CA THR A 134 -2.02 -1.83 17.87
C THR A 134 -3.52 -1.76 17.56
N TYR A 135 -4.06 -0.53 17.53
CA TYR A 135 -5.45 -0.25 17.22
C TYR A 135 -5.82 -0.82 15.86
N ALA A 136 -5.08 -0.44 14.82
CA ALA A 136 -5.37 -0.94 13.48
C ALA A 136 -5.44 -2.47 13.46
N GLN A 137 -4.45 -3.12 14.06
CA GLN A 137 -4.37 -4.58 14.15
C GLN A 137 -5.51 -5.24 14.93
N ALA A 138 -5.96 -4.64 16.02
CA ALA A 138 -7.09 -5.22 16.78
C ALA A 138 -8.37 -4.99 16.00
N ALA A 139 -8.51 -3.78 15.46
CA ALA A 139 -9.67 -3.40 14.65
C ALA A 139 -9.85 -4.40 13.53
N ASN A 140 -8.79 -4.63 12.78
CA ASN A 140 -8.84 -5.58 11.70
C ASN A 140 -9.34 -6.94 12.10
N THR A 141 -9.08 -7.36 13.34
CA THR A 141 -9.52 -8.69 13.79
C THR A 141 -10.98 -8.69 14.15
N HIS A 142 -11.44 -7.59 14.75
CA HIS A 142 -12.84 -7.46 15.14
C HIS A 142 -13.70 -7.60 13.89
N LEU A 143 -13.25 -7.00 12.80
CA LEU A 143 -13.94 -7.03 11.51
C LEU A 143 -13.87 -8.41 10.83
N LEU A 144 -12.72 -9.05 10.90
CA LEU A 144 -12.54 -10.38 10.30
C LEU A 144 -13.45 -11.36 10.99
N LEU A 145 -13.76 -11.06 12.23
CA LEU A 145 -14.59 -11.91 13.03
C LEU A 145 -16.06 -11.62 12.79
N LEU A 146 -16.43 -10.34 12.76
CA LEU A 146 -17.83 -9.95 12.54
C LEU A 146 -18.36 -10.51 11.22
N LYS A 147 -17.54 -10.49 10.16
CA LYS A 147 -18.00 -11.02 8.90
C LYS A 147 -18.44 -12.48 9.03
N ASP A 148 -17.80 -13.22 9.94
CA ASP A 148 -18.12 -14.64 10.15
C ASP A 148 -19.60 -14.84 10.45
N ALA A 149 -20.19 -13.80 11.01
CA ALA A 149 -21.61 -13.80 11.36
C ALA A 149 -22.50 -13.86 10.13
N GLN A 150 -22.06 -13.31 9.00
CA GLN A 150 -22.83 -13.31 7.76
C GLN A 150 -22.67 -14.62 7.02
N VAL A 151 -21.55 -15.29 7.26
CA VAL A 151 -21.27 -16.59 6.64
C VAL A 151 -21.94 -17.74 7.40
N PHE A 152 -21.74 -17.80 8.72
CA PHE A 152 -22.29 -18.87 9.55
C PHE A 152 -23.52 -18.58 10.36
N GLY A 153 -23.81 -17.31 10.61
CA GLY A 153 -24.95 -16.90 11.40
C GLY A 153 -26.18 -17.80 11.39
N GLU A 154 -26.70 -18.06 10.18
CA GLU A 154 -27.90 -18.86 10.04
C GLU A 154 -27.79 -20.32 10.45
N GLU A 155 -26.67 -20.96 10.15
CA GLU A 155 -26.52 -22.34 10.57
C GLU A 155 -26.17 -22.44 12.05
N TRP A 156 -25.68 -21.36 12.65
CA TRP A 156 -25.34 -21.36 14.05
C TRP A 156 -26.58 -21.18 14.86
N GLY A 157 -27.68 -20.79 14.25
CA GLY A 157 -28.86 -20.60 15.06
C GLY A 157 -29.28 -19.15 15.25
N TYR A 158 -28.46 -18.19 14.85
CA TYR A 158 -28.89 -16.80 15.00
C TYR A 158 -30.08 -16.50 14.07
N SER A 159 -30.92 -15.55 14.46
CA SER A 159 -32.06 -15.19 13.62
C SER A 159 -31.72 -13.97 12.75
N SER A 160 -32.65 -13.56 11.90
CA SER A 160 -32.48 -12.40 11.00
C SER A 160 -32.02 -11.20 11.77
N GLU A 161 -32.77 -10.88 12.84
CA GLU A 161 -32.44 -9.76 13.68
C GLU A 161 -31.00 -9.84 14.15
N ASP A 162 -30.63 -10.94 14.79
CA ASP A 162 -29.27 -11.12 15.29
C ASP A 162 -28.24 -10.87 14.22
N VAL A 163 -28.37 -11.60 13.12
CA VAL A 163 -27.45 -11.46 12.01
C VAL A 163 -27.39 -10.03 11.48
N ALA A 164 -28.53 -9.33 11.39
CA ALA A 164 -28.53 -7.94 10.89
C ALA A 164 -27.86 -6.93 11.86
N GLU A 165 -27.97 -7.17 13.16
CA GLU A 165 -27.34 -6.31 14.14
C GLU A 165 -25.85 -6.31 13.91
N PHE A 166 -25.32 -7.49 13.61
CA PHE A 166 -23.91 -7.67 13.32
C PHE A 166 -23.49 -6.94 12.03
N TYR A 167 -24.24 -7.12 10.95
CA TYR A 167 -23.94 -6.45 9.66
C TYR A 167 -23.93 -4.94 9.86
N HIS A 168 -24.99 -4.40 10.43
CA HIS A 168 -25.08 -2.97 10.73
C HIS A 168 -23.84 -2.56 11.53
N ARG A 169 -23.48 -3.33 12.54
CA ARG A 169 -22.33 -3.00 13.35
C ARG A 169 -21.07 -3.01 12.50
N GLN A 170 -20.98 -3.99 11.60
CA GLN A 170 -19.82 -4.14 10.73
C GLN A 170 -19.64 -2.91 9.85
N LEU A 171 -20.73 -2.47 9.22
CA LEU A 171 -20.66 -1.32 8.35
C LEU A 171 -20.25 -0.06 9.11
N LYS A 172 -20.77 0.07 10.32
CA LYS A 172 -20.51 1.21 11.19
C LYS A 172 -19.10 1.25 11.72
N LEU A 173 -18.52 0.09 12.01
CA LEU A 173 -17.15 0.08 12.49
C LEU A 173 -16.16 0.15 11.34
N THR A 174 -16.45 -0.47 10.22
CA THR A 174 -15.53 -0.38 9.09
C THR A 174 -15.26 1.11 8.83
N GLN A 175 -16.30 1.91 8.97
CA GLN A 175 -16.20 3.33 8.74
C GLN A 175 -15.44 3.98 9.88
N GLN A 176 -15.84 3.69 11.11
CA GLN A 176 -15.21 4.28 12.27
C GLN A 176 -13.74 3.96 12.42
N TYR A 177 -13.38 2.68 12.33
CA TYR A 177 -11.97 2.24 12.45
C TYR A 177 -11.08 2.85 11.36
N THR A 178 -11.60 2.90 10.12
CA THR A 178 -10.91 3.49 8.97
C THR A 178 -10.63 4.97 9.26
N ASP A 179 -11.67 5.72 9.59
CA ASP A 179 -11.49 7.13 9.89
C ASP A 179 -10.54 7.37 11.08
N HIS A 180 -10.64 6.56 12.13
CA HIS A 180 -9.75 6.77 13.28
C HIS A 180 -8.29 6.68 12.88
N CYS A 181 -7.94 5.63 12.13
CA CYS A 181 -6.58 5.43 11.69
C CYS A 181 -6.08 6.58 10.81
N VAL A 182 -6.83 6.94 9.77
CA VAL A 182 -6.41 8.03 8.90
C VAL A 182 -6.23 9.33 9.71
N ASN A 183 -7.14 9.58 10.63
CA ASN A 183 -7.09 10.79 11.45
C ASN A 183 -5.85 10.90 12.33
N TRP A 184 -5.49 9.84 13.02
CA TRP A 184 -4.33 9.89 13.89
C TRP A 184 -3.03 9.84 13.15
N TYR A 185 -3.11 9.39 11.91
CA TYR A 185 -1.94 9.30 11.07
C TYR A 185 -1.62 10.70 10.66
N ASN A 186 -2.63 11.44 10.25
CA ASN A 186 -2.38 12.80 9.80
C ASN A 186 -1.86 13.63 10.95
N VAL A 187 -2.43 13.42 12.15
CA VAL A 187 -2.02 14.15 13.34
C VAL A 187 -0.57 13.86 13.69
N GLY A 188 -0.16 12.60 13.66
CA GLY A 188 1.21 12.28 13.98
C GLY A 188 2.15 12.72 12.88
N LEU A 189 1.75 12.47 11.65
CA LEU A 189 2.54 12.84 10.47
C LEU A 189 2.91 14.31 10.54
N ASN A 190 1.88 15.14 10.61
CA ASN A 190 2.06 16.57 10.69
C ASN A 190 2.80 17.04 11.90
N GLY A 191 2.93 16.19 12.91
CA GLY A 191 3.66 16.60 14.10
C GLY A 191 5.16 16.54 13.84
N LEU A 192 5.54 15.87 12.76
CA LEU A 192 6.93 15.71 12.41
C LEU A 192 7.37 16.68 11.32
N ARG A 193 6.51 17.64 10.97
CA ARG A 193 6.87 18.62 9.95
C ARG A 193 7.82 19.61 10.56
N GLY A 194 8.99 19.72 9.95
CA GLY A 194 10.03 20.64 10.40
C GLY A 194 10.66 21.19 9.14
N SER A 195 11.81 21.87 9.25
CA SER A 195 12.45 22.43 8.06
C SER A 195 13.75 21.78 7.67
N THR A 196 14.32 21.04 8.61
CA THR A 196 15.59 20.37 8.43
C THR A 196 15.57 19.08 7.63
N TYR A 197 16.78 18.61 7.32
CA TYR A 197 16.97 17.36 6.64
C TYR A 197 16.62 16.31 7.66
N ASP A 198 16.97 16.59 8.92
CA ASP A 198 16.70 15.65 10.00
C ASP A 198 15.21 15.55 10.20
N ALA A 199 14.58 16.72 10.24
CA ALA A 199 13.14 16.76 10.41
C ALA A 199 12.50 15.95 9.30
N TRP A 200 13.04 16.04 8.09
CA TRP A 200 12.47 15.29 6.98
C TRP A 200 12.64 13.78 7.13
N VAL A 201 13.86 13.31 7.39
CA VAL A 201 14.08 11.86 7.49
C VAL A 201 13.19 11.18 8.53
N LYS A 202 12.78 11.93 9.54
CA LYS A 202 11.91 11.43 10.60
C LYS A 202 10.46 11.44 10.14
N PHE A 203 10.12 12.52 9.46
CA PHE A 203 8.82 12.73 8.88
C PHE A 203 8.54 11.61 7.85
N ASN A 204 9.53 11.29 7.03
CA ASN A 204 9.39 10.24 6.04
C ASN A 204 9.44 8.84 6.60
N ARG A 205 9.98 8.64 7.80
CA ARG A 205 10.04 7.29 8.35
C ARG A 205 8.69 6.90 8.97
N PHE A 206 8.02 7.88 9.57
CA PHE A 206 6.72 7.68 10.16
C PHE A 206 5.81 7.42 8.99
N ARG A 207 5.93 8.25 7.97
CA ARG A 207 5.08 8.10 6.80
C ARG A 207 5.19 6.69 6.26
N ARG A 208 6.40 6.20 6.09
CA ARG A 208 6.59 4.83 5.59
C ARG A 208 6.03 3.75 6.54
N GLU A 209 6.62 3.67 7.73
CA GLU A 209 6.23 2.69 8.73
C GLU A 209 4.73 2.66 9.00
N MET A 210 4.11 3.82 9.18
CA MET A 210 2.67 3.82 9.41
C MET A 210 1.87 3.37 8.18
N THR A 211 2.41 3.55 6.98
CA THR A 211 1.73 3.12 5.76
C THR A 211 1.77 1.59 5.69
N LEU A 212 2.97 1.01 5.88
CA LEU A 212 3.14 -0.45 5.81
C LEU A 212 2.36 -1.19 6.88
N THR A 213 2.24 -0.55 8.05
CA THR A 213 1.58 -1.13 9.19
C THR A 213 0.11 -0.80 9.38
N VAL A 214 -0.35 0.35 8.93
CA VAL A 214 -1.74 0.71 9.14
C VAL A 214 -2.54 1.03 7.88
N LEU A 215 -2.16 2.11 7.20
CA LEU A 215 -2.86 2.51 5.97
C LEU A 215 -3.00 1.34 4.99
N ASP A 216 -1.95 0.54 4.83
CA ASP A 216 -2.00 -0.60 3.91
C ASP A 216 -2.97 -1.70 4.37
N LEU A 217 -3.31 -1.70 5.65
CA LEU A 217 -4.22 -2.71 6.19
C LEU A 217 -5.69 -2.23 6.09
N ILE A 218 -5.89 -1.00 6.50
CA ILE A 218 -7.15 -0.29 6.50
C ILE A 218 -7.89 -0.31 5.15
N VAL A 219 -7.12 -0.40 4.04
CA VAL A 219 -7.68 -0.46 2.67
C VAL A 219 -8.42 -1.78 2.41
N LEU A 220 -8.02 -2.85 3.10
CA LEU A 220 -8.62 -4.16 2.92
C LEU A 220 -9.97 -4.36 3.63
N PHE A 221 -10.22 -3.62 4.71
CA PHE A 221 -11.47 -3.73 5.47
C PHE A 221 -12.75 -3.88 4.64
N PRO A 222 -12.95 -3.05 3.60
CA PRO A 222 -14.21 -3.20 2.84
C PRO A 222 -14.52 -4.56 2.20
N PHE A 223 -13.50 -5.38 1.98
CA PHE A 223 -13.70 -6.68 1.36
C PHE A 223 -14.12 -7.77 2.34
N TYR A 224 -14.37 -7.39 3.59
CA TYR A 224 -14.82 -8.35 4.60
C TYR A 224 -16.33 -8.36 4.50
N ASP A 225 -16.87 -7.37 3.82
CA ASP A 225 -18.31 -7.30 3.62
C ASP A 225 -18.59 -8.35 2.55
N ILE A 226 -18.67 -9.61 2.96
CA ILE A 226 -18.86 -10.71 2.02
C ILE A 226 -20.19 -10.79 1.25
N ARG A 227 -21.06 -9.81 1.45
CA ARG A 227 -22.33 -9.74 0.73
C ARG A 227 -22.10 -8.80 -0.44
N LEU A 228 -21.38 -7.72 -0.21
CA LEU A 228 -21.11 -6.77 -1.27
C LEU A 228 -19.98 -7.31 -2.15
N TYR A 229 -19.09 -8.12 -1.59
CA TYR A 229 -18.01 -8.72 -2.36
C TYR A 229 -18.01 -10.18 -2.03
N SER A 230 -19.02 -10.90 -2.50
CA SER A 230 -19.13 -12.31 -2.22
C SER A 230 -18.29 -13.25 -3.05
N LYS A 231 -17.70 -12.79 -4.16
CA LYS A 231 -16.93 -13.65 -5.09
C LYS A 231 -15.42 -13.74 -4.91
N GLY A 232 -14.88 -12.96 -4.01
CA GLY A 232 -13.45 -12.90 -3.85
C GLY A 232 -13.08 -11.56 -4.46
N VAL A 233 -11.94 -10.96 -4.11
CA VAL A 233 -11.59 -9.67 -4.69
C VAL A 233 -10.15 -9.63 -5.19
N LYS A 234 -9.96 -9.16 -6.42
CA LYS A 234 -8.63 -9.04 -6.99
C LYS A 234 -8.32 -7.56 -7.03
N THR A 235 -7.48 -7.11 -6.09
CA THR A 235 -7.09 -5.70 -6.01
C THR A 235 -5.58 -5.57 -5.82
N GLU A 236 -5.10 -4.34 -5.71
CA GLU A 236 -3.68 -4.12 -5.53
C GLU A 236 -3.42 -2.76 -4.86
N LEU A 237 -2.28 -2.63 -4.17
CA LEU A 237 -1.89 -1.39 -3.50
C LEU A 237 -0.95 -0.65 -4.43
N THR A 238 -1.35 0.55 -4.84
CA THR A 238 -0.55 1.31 -5.80
C THR A 238 0.32 2.45 -5.29
N ARG A 239 0.33 2.72 -3.98
CA ARG A 239 1.11 3.85 -3.48
C ARG A 239 2.63 3.69 -3.51
N ASP A 240 3.30 4.83 -3.54
CA ASP A 240 4.77 4.92 -3.53
C ASP A 240 5.24 4.80 -2.09
N ILE A 241 6.45 4.27 -1.94
CA ILE A 241 7.07 4.12 -0.63
C ILE A 241 8.49 4.63 -0.77
N PHE A 242 8.87 5.51 0.13
CA PHE A 242 10.23 6.04 0.15
C PHE A 242 11.09 5.46 1.27
N THR A 243 12.10 4.67 0.90
CA THR A 243 13.01 4.14 1.88
C THR A 243 13.83 5.35 2.30
N ASP A 244 14.54 5.29 3.42
CA ASP A 244 15.32 6.44 3.87
C ASP A 244 16.46 6.71 2.93
N PRO A 245 17.02 7.92 2.98
CA PRO A 245 18.13 8.26 2.10
C PRO A 245 19.24 7.19 2.22
N ILE A 246 19.86 6.80 1.08
CA ILE A 246 20.89 5.74 1.02
C ILE A 246 22.01 5.69 2.08
N PHE A 247 22.42 6.85 2.58
CA PHE A 247 23.41 6.84 3.61
C PHE A 247 23.16 7.92 4.64
N SER A 248 23.61 7.66 5.87
CA SER A 248 23.40 8.59 6.97
C SER A 248 24.50 9.64 7.10
N LEU A 249 24.09 10.89 7.00
CA LEU A 249 25.00 12.02 7.11
C LEU A 249 25.38 12.15 8.60
N ASN A 250 26.28 11.31 9.09
CA ASN A 250 26.66 11.38 10.50
C ASN A 250 27.01 12.79 10.99
N THR A 251 28.24 13.22 10.74
CA THR A 251 28.70 14.54 11.12
C THR A 251 28.11 15.54 10.12
N LEU A 252 27.64 15.01 8.98
CA LEU A 252 27.06 15.78 7.89
C LEU A 252 25.57 16.10 7.98
N GLN A 253 24.91 15.57 9.00
CA GLN A 253 23.48 15.76 9.18
C GLN A 253 23.03 17.18 8.87
N GLU A 254 23.80 18.15 9.35
CA GLU A 254 23.50 19.57 9.17
C GLU A 254 23.52 20.03 7.73
N TYR A 255 24.34 19.36 6.91
CA TYR A 255 24.47 19.72 5.51
C TYR A 255 23.49 19.08 4.56
N GLY A 256 22.50 18.38 5.08
CA GLY A 256 21.56 17.75 4.18
C GLY A 256 20.57 18.76 3.63
N PRO A 257 19.94 18.46 2.48
CA PRO A 257 18.95 19.32 1.82
C PRO A 257 17.77 19.63 2.77
N THR A 258 17.24 20.85 2.72
CA THR A 258 16.14 21.23 3.60
C THR A 258 14.86 20.43 3.35
N PHE A 259 13.97 20.42 4.35
CA PHE A 259 12.68 19.73 4.28
C PHE A 259 11.95 20.07 2.98
N LEU A 260 11.61 21.35 2.84
CA LEU A 260 10.91 21.87 1.66
C LEU A 260 11.53 21.49 0.33
N SER A 261 12.84 21.66 0.18
CA SER A 261 13.49 21.32 -1.08
C SER A 261 13.39 19.83 -1.38
N ILE A 262 13.21 19.04 -0.35
CA ILE A 262 13.07 17.61 -0.51
C ILE A 262 11.63 17.31 -0.86
N GLU A 263 10.71 17.86 -0.09
CA GLU A 263 9.27 17.66 -0.34
C GLU A 263 8.73 18.42 -1.57
N ASN A 264 9.50 19.35 -2.10
CA ASN A 264 9.09 20.13 -3.27
C ASN A 264 9.85 19.67 -4.51
N SER A 265 10.76 18.72 -4.32
CA SER A 265 11.56 18.22 -5.43
C SER A 265 11.12 16.82 -5.76
N ILE A 266 10.58 16.12 -4.78
CA ILE A 266 10.10 14.78 -5.02
C ILE A 266 9.00 14.88 -6.08
N ARG A 267 8.92 13.80 -6.85
CA ARG A 267 7.97 13.60 -7.94
C ARG A 267 6.53 13.58 -7.40
N LYS A 268 5.67 14.42 -7.97
CA LYS A 268 4.29 14.52 -7.50
C LYS A 268 3.38 13.37 -7.99
N PRO A 269 2.10 13.31 -7.51
CA PRO A 269 1.16 12.25 -7.91
C PRO A 269 1.05 12.06 -9.42
N HIS A 270 1.15 10.80 -9.84
CA HIS A 270 1.17 10.44 -11.24
C HIS A 270 0.50 9.10 -11.52
N LEU A 271 0.35 8.78 -12.80
CA LEU A 271 -0.22 7.51 -13.20
C LEU A 271 0.87 6.50 -12.89
N PHE A 272 0.50 5.29 -12.52
CA PHE A 272 1.46 4.25 -12.19
C PHE A 272 2.38 3.93 -13.37
N ASP A 273 3.68 3.89 -13.13
CA ASP A 273 4.65 3.52 -14.16
C ASP A 273 5.70 2.59 -13.58
N TYR A 274 6.55 2.04 -14.43
CA TYR A 274 7.54 1.06 -14.01
C TYR A 274 8.95 1.51 -14.36
N LEU A 275 9.94 0.98 -13.66
CA LEU A 275 11.32 1.37 -13.95
C LEU A 275 11.79 0.75 -15.26
N GLN A 276 12.45 1.58 -16.09
CA GLN A 276 13.01 1.12 -17.37
C GLN A 276 14.51 1.12 -17.22
N GLY A 277 15.04 2.25 -16.75
CA GLY A 277 16.47 2.33 -16.56
C GLY A 277 16.93 3.53 -15.76
N ILE A 278 18.20 3.49 -15.33
CA ILE A 278 18.83 4.57 -14.58
C ILE A 278 20.16 4.96 -15.26
N GLU A 279 20.37 6.26 -15.41
CA GLU A 279 21.58 6.79 -16.01
C GLU A 279 22.39 7.44 -14.92
N PHE A 280 23.41 6.72 -14.48
CA PHE A 280 24.29 7.17 -13.42
C PHE A 280 25.33 8.19 -13.82
N HIS A 281 25.41 9.28 -13.04
CA HIS A 281 26.39 10.34 -13.29
C HIS A 281 27.45 10.34 -12.17
N THR A 282 28.74 10.30 -12.54
CA THR A 282 29.84 10.22 -11.58
C THR A 282 30.81 11.41 -11.48
N ARG A 283 31.29 11.69 -10.28
CA ARG A 283 32.24 12.77 -10.10
C ARG A 283 33.27 12.35 -9.06
N LEU A 284 34.40 13.03 -9.06
CA LEU A 284 35.46 12.75 -8.12
C LEU A 284 35.25 13.55 -6.83
N GLN A 285 35.58 12.94 -5.71
CA GLN A 285 35.48 13.57 -4.40
C GLN A 285 36.95 13.57 -4.02
N PRO A 286 37.57 14.74 -4.05
CA PRO A 286 38.98 14.74 -3.70
C PRO A 286 39.26 14.68 -2.22
N GLY A 287 40.22 13.85 -1.87
CA GLY A 287 40.68 13.78 -0.50
C GLY A 287 41.77 14.85 -0.46
N TYR A 288 41.94 15.42 0.72
CA TYR A 288 42.92 16.45 0.94
C TYR A 288 44.34 16.02 0.52
N PHE A 289 44.67 14.77 0.76
CA PHE A 289 45.98 14.23 0.40
C PHE A 289 46.02 13.53 -0.95
N GLY A 290 44.94 13.65 -1.72
CA GLY A 290 44.89 13.06 -3.06
C GLY A 290 44.87 11.55 -3.30
N LYS A 291 45.55 10.80 -2.45
CA LYS A 291 45.56 9.37 -2.64
C LYS A 291 44.24 8.82 -2.07
N ASP A 292 43.60 9.60 -1.21
CA ASP A 292 42.33 9.21 -0.58
C ASP A 292 41.09 9.87 -1.21
N SER A 293 41.14 10.11 -2.51
CA SER A 293 40.03 10.70 -3.23
C SER A 293 39.20 9.54 -3.76
N PHE A 294 37.92 9.78 -4.00
CA PHE A 294 37.09 8.70 -4.52
C PHE A 294 36.04 9.22 -5.49
N ASN A 295 35.58 8.36 -6.39
CA ASN A 295 34.55 8.72 -7.35
C ASN A 295 33.24 8.33 -6.68
N TYR A 296 32.18 9.10 -6.90
CA TYR A 296 30.90 8.78 -6.27
C TYR A 296 29.84 9.25 -7.22
N TRP A 297 28.63 8.69 -7.15
CA TRP A 297 27.61 9.18 -8.06
C TRP A 297 26.92 10.42 -7.57
N SER A 298 27.08 11.45 -8.38
CA SER A 298 26.59 12.78 -8.12
C SER A 298 25.21 13.16 -8.61
N GLY A 299 24.73 12.48 -9.64
CA GLY A 299 23.42 12.82 -10.19
C GLY A 299 22.89 11.76 -11.12
N ASN A 300 21.71 11.98 -11.68
CA ASN A 300 21.13 10.96 -12.55
C ASN A 300 19.87 11.39 -13.27
N TYR A 301 19.52 10.60 -14.30
CA TYR A 301 18.28 10.75 -15.07
C TYR A 301 17.59 9.38 -14.88
N VAL A 302 16.26 9.35 -14.82
CA VAL A 302 15.59 8.06 -14.71
C VAL A 302 14.56 7.92 -15.83
N GLU A 303 14.39 6.70 -16.31
CA GLU A 303 13.41 6.43 -17.36
C GLU A 303 12.33 5.48 -16.86
N THR A 304 11.07 5.91 -16.92
CA THR A 304 9.96 5.06 -16.52
C THR A 304 9.01 4.84 -17.69
N ARG A 305 8.43 3.65 -17.75
CA ARG A 305 7.51 3.28 -18.80
C ARG A 305 6.09 3.22 -18.22
N PRO A 306 5.10 3.78 -18.93
CA PRO A 306 3.69 3.84 -18.54
C PRO A 306 3.07 2.49 -18.32
N SER A 307 1.85 2.51 -17.79
CA SER A 307 1.13 1.27 -17.54
C SER A 307 0.76 0.66 -18.90
N ILE A 308 0.32 -0.59 -18.90
CA ILE A 308 0.00 -1.25 -20.16
C ILE A 308 -0.92 -0.43 -21.08
N GLY A 309 -0.59 -0.42 -22.35
CA GLY A 309 -1.36 0.36 -23.30
C GLY A 309 -0.47 1.44 -23.89
N SER A 310 0.65 1.72 -23.25
CA SER A 310 1.62 2.70 -23.75
C SER A 310 3.07 2.34 -23.41
N SER A 311 3.91 2.35 -24.44
CA SER A 311 5.31 2.03 -24.25
C SER A 311 6.20 3.24 -24.06
N LYS A 312 5.77 4.38 -24.59
CA LYS A 312 6.56 5.61 -24.51
C LYS A 312 7.23 5.80 -23.17
N THR A 313 8.54 5.97 -23.14
CA THR A 313 9.19 6.14 -21.86
C THR A 313 9.14 7.60 -21.44
N ILE A 314 9.23 7.80 -20.14
CA ILE A 314 9.19 9.10 -19.54
C ILE A 314 10.55 9.32 -18.92
N THR A 315 11.20 10.38 -19.36
CA THR A 315 12.50 10.75 -18.85
C THR A 315 12.23 11.86 -17.83
N SER A 316 12.88 11.75 -16.69
CA SER A 316 12.76 12.70 -15.60
C SER A 316 13.75 13.83 -15.81
N PRO A 317 13.63 14.87 -15.00
CA PRO A 317 14.58 15.97 -15.15
C PRO A 317 15.94 15.39 -14.69
N PHE A 318 17.02 16.14 -14.85
CA PHE A 318 18.31 15.65 -14.36
C PHE A 318 18.27 15.94 -12.85
N TYR A 319 18.77 15.00 -12.05
CA TYR A 319 18.80 15.13 -10.59
C TYR A 319 20.26 15.15 -10.15
N GLY A 320 20.65 16.19 -9.39
CA GLY A 320 22.02 16.29 -8.89
C GLY A 320 23.05 16.96 -9.82
N ASP A 321 24.31 16.54 -9.71
CA ASP A 321 25.42 17.08 -10.51
C ASP A 321 25.82 16.23 -11.68
N LYS A 322 26.17 16.90 -12.78
CA LYS A 322 26.57 16.24 -14.02
C LYS A 322 27.89 15.52 -13.83
N SER A 323 28.10 14.41 -14.54
CA SER A 323 29.34 13.71 -14.33
C SER A 323 30.57 14.44 -14.83
N THR A 324 31.69 14.03 -14.25
CA THR A 324 33.03 14.50 -14.49
C THR A 324 33.74 13.30 -15.13
N GLU A 325 33.16 12.13 -14.89
CA GLU A 325 33.66 10.86 -15.37
C GLU A 325 32.62 10.29 -16.33
N PRO A 326 32.86 9.07 -16.85
CA PRO A 326 31.90 8.47 -17.78
C PRO A 326 30.55 8.13 -17.10
N VAL A 327 29.46 8.30 -17.85
CA VAL A 327 28.14 7.99 -17.35
C VAL A 327 27.90 6.53 -17.59
N GLN A 328 27.16 5.90 -16.68
CA GLN A 328 26.83 4.48 -16.78
C GLN A 328 25.31 4.38 -16.89
N LYS A 329 24.86 3.57 -17.85
CA LYS A 329 23.44 3.41 -18.08
C LYS A 329 23.07 1.97 -17.80
N LEU A 330 22.04 1.81 -16.98
CA LEU A 330 21.53 0.50 -16.65
C LEU A 330 20.05 0.51 -17.06
N SER A 331 19.62 -0.52 -17.78
CA SER A 331 18.24 -0.66 -18.18
C SER A 331 17.69 -1.92 -17.56
N PHE A 332 16.60 -1.77 -16.84
CA PHE A 332 15.97 -2.89 -16.19
C PHE A 332 14.69 -3.28 -16.91
N ASP A 333 14.57 -2.87 -18.17
CA ASP A 333 13.41 -3.21 -18.98
C ASP A 333 13.14 -4.73 -18.86
N GLY A 334 11.95 -5.08 -18.38
CA GLY A 334 11.58 -6.49 -18.24
C GLY A 334 12.02 -7.22 -16.97
N GLN A 335 12.55 -6.46 -16.02
CA GLN A 335 13.03 -7.00 -14.77
C GLN A 335 12.30 -6.36 -13.59
N LYS A 336 12.27 -7.08 -12.48
CA LYS A 336 11.67 -6.61 -11.24
C LYS A 336 12.89 -6.48 -10.30
N VAL A 337 13.23 -5.26 -9.93
CA VAL A 337 14.36 -5.05 -9.03
C VAL A 337 13.82 -5.15 -7.62
N TYR A 338 14.13 -6.26 -6.95
CA TYR A 338 13.62 -6.49 -5.62
C TYR A 338 14.59 -6.18 -4.51
N ARG A 339 15.78 -5.69 -4.85
CA ARG A 339 16.74 -5.34 -3.81
C ARG A 339 17.92 -4.46 -4.26
N THR A 340 18.35 -3.56 -3.39
CA THR A 340 19.46 -2.66 -3.63
C THR A 340 20.31 -2.59 -2.36
N ILE A 341 21.62 -2.71 -2.57
CA ILE A 341 22.62 -2.65 -1.49
C ILE A 341 23.65 -1.63 -1.93
N ALA A 342 23.78 -0.58 -1.15
CA ALA A 342 24.69 0.52 -1.45
C ALA A 342 25.87 0.50 -0.51
N ASN A 343 27.01 0.94 -1.03
CA ASN A 343 28.22 1.04 -0.25
C ASN A 343 28.66 2.46 -0.39
N THR A 344 29.24 3.00 0.66
CA THR A 344 29.64 4.38 0.66
C THR A 344 31.15 4.51 0.90
N ASP A 345 31.65 5.75 0.98
CA ASP A 345 33.06 6.01 1.26
C ASP A 345 33.20 7.41 1.87
N VAL A 346 34.34 7.71 2.48
CA VAL A 346 34.54 9.02 3.10
C VAL A 346 35.97 9.51 2.81
N ALA A 347 36.15 10.82 3.00
CA ALA A 347 37.43 11.52 2.83
C ALA A 347 37.33 12.69 3.81
N ALA A 348 38.09 12.58 4.89
CA ALA A 348 38.09 13.62 5.94
C ALA A 348 39.23 14.62 5.75
N TRP A 349 38.93 15.90 5.89
CA TRP A 349 39.96 16.91 5.72
C TRP A 349 40.40 17.42 7.04
N PRO A 350 41.69 17.75 7.17
CA PRO A 350 42.26 18.27 8.41
C PRO A 350 41.44 19.45 8.91
N ASN A 351 40.99 20.28 7.97
CA ASN A 351 40.18 21.44 8.32
C ASN A 351 38.75 21.09 8.69
N GLY A 352 38.53 19.83 9.07
CA GLY A 352 37.20 19.41 9.47
C GLY A 352 36.15 19.07 8.43
N LYS A 353 36.45 19.29 7.16
CA LYS A 353 35.45 18.99 6.15
C LYS A 353 35.41 17.48 5.90
N VAL A 354 34.25 16.86 6.08
CA VAL A 354 34.12 15.42 5.80
C VAL A 354 33.23 15.27 4.56
N TYR A 355 33.56 14.31 3.72
CA TYR A 355 32.80 14.10 2.50
C TYR A 355 32.36 12.67 2.30
N LEU A 356 31.12 12.50 1.87
CA LEU A 356 30.50 11.18 1.62
C LEU A 356 29.78 11.11 0.26
N GLY A 357 29.58 9.89 -0.25
CA GLY A 357 28.91 9.70 -1.52
C GLY A 357 28.84 8.22 -1.81
N VAL A 358 27.96 7.81 -2.71
CA VAL A 358 27.77 6.40 -3.03
C VAL A 358 28.72 5.95 -4.13
N THR A 359 29.53 4.96 -3.81
CA THR A 359 30.50 4.45 -4.77
C THR A 359 29.97 3.23 -5.46
N LYS A 360 28.94 2.61 -4.90
CA LYS A 360 28.44 1.39 -5.47
C LYS A 360 27.04 1.00 -5.02
N VAL A 361 26.30 0.37 -5.94
CA VAL A 361 24.95 -0.12 -5.70
C VAL A 361 24.70 -1.37 -6.53
N ASP A 362 24.24 -2.43 -5.90
CA ASP A 362 23.91 -3.69 -6.57
C ASP A 362 22.39 -3.79 -6.65
N PHE A 363 21.90 -3.96 -7.87
CA PHE A 363 20.46 -4.09 -8.13
C PHE A 363 20.16 -5.56 -8.38
N SER A 364 19.55 -6.24 -7.42
CA SER A 364 19.17 -7.66 -7.58
C SER A 364 17.84 -7.70 -8.29
N GLN A 365 17.87 -8.13 -9.55
CA GLN A 365 16.67 -8.16 -10.35
C GLN A 365 16.16 -9.56 -10.60
N TYR A 366 14.86 -9.69 -10.82
CA TYR A 366 14.23 -10.96 -11.10
C TYR A 366 13.42 -10.84 -12.39
N ASP A 367 13.51 -11.88 -13.21
CA ASP A 367 12.83 -11.97 -14.48
C ASP A 367 11.68 -12.97 -14.38
N ASP A 368 10.45 -12.47 -14.46
CA ASP A 368 9.24 -13.30 -14.39
C ASP A 368 9.28 -14.34 -15.51
N GLN A 369 9.46 -13.85 -16.73
CA GLN A 369 9.53 -14.66 -17.94
C GLN A 369 10.39 -15.91 -17.80
N LYS A 370 11.70 -15.70 -17.91
CA LYS A 370 12.67 -16.76 -17.84
C LYS A 370 12.88 -17.28 -16.44
N ASN A 371 12.21 -16.63 -15.49
CA ASN A 371 12.31 -17.01 -14.08
C ASN A 371 13.78 -17.13 -13.68
N GLU A 372 14.53 -16.09 -13.96
CA GLU A 372 15.94 -16.08 -13.63
C GLU A 372 16.21 -14.86 -12.78
N THR A 373 17.18 -14.97 -11.88
CA THR A 373 17.57 -13.86 -11.03
C THR A 373 18.98 -13.45 -11.48
N SER A 374 19.32 -12.17 -11.31
CA SER A 374 20.62 -11.68 -11.72
C SER A 374 20.91 -10.39 -10.99
N THR A 375 22.09 -9.82 -11.23
CA THR A 375 22.47 -8.59 -10.57
C THR A 375 22.96 -7.59 -11.61
N GLN A 376 22.94 -6.32 -11.26
CA GLN A 376 23.45 -5.27 -12.12
C GLN A 376 24.07 -4.30 -11.14
N THR A 377 25.14 -3.62 -11.55
CA THR A 377 25.84 -2.76 -10.61
C THR A 377 26.30 -1.39 -11.05
N TYR A 378 26.33 -0.47 -10.10
CA TYR A 378 26.87 0.85 -10.35
C TYR A 378 28.15 0.90 -9.51
N ASP A 379 29.31 0.96 -10.15
CA ASP A 379 30.59 1.07 -9.45
C ASP A 379 31.23 2.35 -9.97
N SER A 380 31.47 3.29 -9.07
CA SER A 380 32.06 4.58 -9.40
C SER A 380 33.43 4.41 -10.03
N LYS A 381 34.04 3.27 -9.73
CA LYS A 381 35.34 2.90 -10.25
C LYS A 381 36.54 3.55 -9.55
N ARG A 382 36.29 4.14 -8.38
CA ARG A 382 37.32 4.73 -7.53
C ARG A 382 36.89 4.86 -6.06
N ASN A 383 37.52 4.05 -5.20
CA ASN A 383 37.21 4.05 -3.76
C ASN A 383 38.38 3.48 -2.96
N ASN A 384 38.48 3.88 -1.69
CA ASN A 384 39.55 3.44 -0.79
C ASN A 384 39.14 2.21 0.02
N GLY A 385 38.00 1.63 -0.33
CA GLY A 385 37.48 0.47 0.39
C GLY A 385 35.98 0.69 0.54
N HIS A 386 35.26 -0.25 1.13
CA HIS A 386 33.83 -0.05 1.24
C HIS A 386 33.22 0.08 2.59
N VAL A 387 32.90 1.31 2.95
CA VAL A 387 32.21 1.50 4.18
C VAL A 387 30.86 0.92 3.75
N SER A 388 30.07 0.43 4.68
CA SER A 388 28.77 -0.13 4.29
C SER A 388 27.65 0.92 4.36
N ALA A 389 26.53 0.60 3.73
CA ALA A 389 25.38 1.48 3.76
C ALA A 389 24.10 0.66 3.60
N GLN A 390 23.07 1.30 3.08
CA GLN A 390 21.76 0.70 2.93
C GLN A 390 21.55 -0.64 2.21
N ASP A 391 20.79 -1.52 2.87
CA ASP A 391 20.37 -2.78 2.31
C ASP A 391 18.84 -2.62 2.32
N SER A 392 18.20 -2.65 1.15
CA SER A 392 16.74 -2.48 1.07
C SER A 392 15.87 -3.35 2.00
N ILE A 393 16.15 -4.66 2.08
CA ILE A 393 15.35 -5.55 2.94
C ILE A 393 15.18 -5.10 4.40
N ASP A 394 16.11 -4.30 4.91
CA ASP A 394 16.00 -3.85 6.28
C ASP A 394 14.83 -2.89 6.42
N GLN A 395 14.56 -2.13 5.37
CA GLN A 395 13.44 -1.20 5.40
C GLN A 395 12.18 -1.89 4.88
N LEU A 396 12.33 -2.69 3.82
CA LEU A 396 11.22 -3.38 3.17
C LEU A 396 11.40 -4.90 3.14
N PRO A 397 11.27 -5.56 4.29
CA PRO A 397 11.40 -7.01 4.41
C PRO A 397 10.41 -7.71 3.50
N PRO A 398 10.67 -9.00 3.17
CA PRO A 398 9.77 -9.79 2.30
C PRO A 398 8.53 -10.26 3.05
N GLU A 399 7.62 -10.93 2.34
CA GLU A 399 6.40 -11.41 2.97
C GLU A 399 6.55 -12.68 3.83
N THR A 400 7.65 -13.41 3.63
CA THR A 400 8.01 -14.63 4.40
C THR A 400 9.48 -14.83 4.23
N THR A 401 10.09 -15.52 5.20
CA THR A 401 11.52 -15.82 5.17
C THR A 401 11.78 -17.23 4.65
N ASP A 402 10.78 -18.10 4.75
CA ASP A 402 10.93 -19.46 4.27
C ASP A 402 10.59 -19.57 2.77
N GLU A 403 10.86 -18.48 2.07
CA GLU A 403 10.58 -18.41 0.64
C GLU A 403 11.73 -17.68 0.03
N PRO A 404 12.23 -18.16 -1.12
CA PRO A 404 13.34 -17.45 -1.75
C PRO A 404 12.91 -16.01 -1.98
N LEU A 405 13.76 -15.09 -1.51
CA LEU A 405 13.51 -13.67 -1.61
C LEU A 405 12.84 -13.20 -2.90
N GLU A 406 13.34 -13.64 -4.04
CA GLU A 406 12.80 -13.23 -5.35
C GLU A 406 11.38 -13.72 -5.59
N LYS A 407 10.92 -14.53 -4.66
CA LYS A 407 9.59 -15.10 -4.72
C LYS A 407 8.76 -14.65 -3.54
N ALA A 408 9.37 -13.97 -2.58
CA ALA A 408 8.64 -13.48 -1.43
C ALA A 408 8.76 -11.98 -1.18
N TYR A 409 9.52 -11.25 -2.02
CA TYR A 409 9.68 -9.81 -1.83
C TYR A 409 8.33 -9.06 -1.79
N SER A 410 8.30 -7.93 -1.10
CA SER A 410 7.07 -7.18 -0.97
C SER A 410 7.01 -5.94 -1.83
N HIS A 411 8.15 -5.47 -2.33
CA HIS A 411 8.21 -4.27 -3.18
C HIS A 411 9.29 -4.33 -4.25
N GLN A 412 9.11 -3.52 -5.28
CA GLN A 412 10.05 -3.44 -6.39
C GLN A 412 10.49 -1.97 -6.54
N LEU A 413 11.69 -1.74 -7.06
CA LEU A 413 12.23 -0.39 -7.27
C LEU A 413 11.44 0.30 -8.39
N ASN A 414 11.20 1.59 -8.20
CA ASN A 414 10.42 2.37 -9.14
C ASN A 414 11.11 3.66 -9.60
N TYR A 415 11.92 4.26 -8.73
CA TYR A 415 12.56 5.52 -9.04
C TYR A 415 13.81 5.71 -8.18
N ALA A 416 14.75 6.50 -8.68
CA ALA A 416 15.99 6.85 -7.97
C ALA A 416 16.14 8.36 -8.23
N GLU A 417 16.56 9.12 -7.23
CA GLU A 417 16.70 10.54 -7.42
C GLU A 417 17.75 11.12 -6.48
N CYS A 418 18.71 11.88 -7.03
CA CYS A 418 19.77 12.49 -6.22
C CYS A 418 19.46 13.87 -5.71
N PHE A 419 19.85 14.13 -4.46
CA PHE A 419 19.65 15.41 -3.82
C PHE A 419 21.05 15.88 -3.48
N LEU A 420 21.25 17.17 -3.47
CA LEU A 420 22.58 17.67 -3.18
C LEU A 420 22.66 18.19 -1.77
N MET A 421 23.87 18.11 -1.22
CA MET A 421 24.10 18.61 0.10
C MET A 421 24.64 20.04 -0.01
N GLN A 422 24.46 20.79 1.06
CA GLN A 422 24.92 22.17 1.15
C GLN A 422 26.45 22.14 1.40
N ASP A 423 27.09 23.30 1.36
CA ASP A 423 28.53 23.37 1.55
C ASP A 423 29.25 22.25 0.75
N ARG A 424 28.75 22.01 -0.46
CA ARG A 424 29.27 21.02 -1.40
C ARG A 424 29.81 19.71 -0.83
N ARG A 425 29.05 19.06 0.04
CA ARG A 425 29.53 17.80 0.59
C ARG A 425 29.24 16.58 -0.29
N GLY A 426 28.41 16.74 -1.31
CA GLY A 426 28.11 15.62 -2.18
C GLY A 426 26.64 15.47 -2.46
N THR A 427 26.23 14.26 -2.89
CA THR A 427 24.84 13.98 -3.21
C THR A 427 24.33 12.70 -2.53
N ILE A 428 23.15 12.78 -1.90
CA ILE A 428 22.52 11.64 -1.24
C ILE A 428 21.34 11.18 -2.11
N PRO A 429 21.35 9.94 -2.59
CA PRO A 429 20.22 9.47 -3.41
C PRO A 429 19.03 8.93 -2.56
N PHE A 430 17.82 8.94 -3.16
CA PHE A 430 16.56 8.47 -2.55
C PHE A 430 15.98 7.45 -3.52
N PHE A 431 15.42 6.36 -3.01
CA PHE A 431 14.77 5.35 -3.85
C PHE A 431 13.27 5.40 -3.56
N THR A 432 12.47 4.95 -4.53
CA THR A 432 11.01 4.89 -4.42
C THR A 432 10.58 3.48 -4.85
N TRP A 433 9.74 2.83 -4.05
CA TRP A 433 9.29 1.47 -4.32
C TRP A 433 7.78 1.33 -4.43
N THR A 434 7.33 0.32 -5.17
CA THR A 434 5.89 0.05 -5.31
C THR A 434 5.64 -1.43 -4.90
N HIS A 435 4.43 -1.71 -4.45
CA HIS A 435 4.06 -3.03 -3.96
C HIS A 435 4.02 -4.10 -5.01
N ARG A 436 4.45 -5.29 -4.62
CA ARG A 436 4.47 -6.41 -5.55
C ARG A 436 3.06 -6.83 -6.01
N SER A 437 2.03 -6.37 -5.32
CA SER A 437 0.69 -6.74 -5.70
C SER A 437 0.28 -6.15 -7.04
N VAL A 438 0.95 -5.11 -7.52
CA VAL A 438 0.58 -4.46 -8.79
C VAL A 438 0.70 -5.36 -10.04
N ASP A 439 -0.41 -5.53 -10.72
CA ASP A 439 -0.46 -6.34 -11.93
C ASP A 439 -0.11 -5.46 -13.12
N PHE A 440 1.01 -5.75 -13.77
CA PHE A 440 1.41 -4.98 -14.95
C PHE A 440 0.38 -5.12 -16.08
N PHE A 441 -0.21 -6.32 -16.20
CA PHE A 441 -1.19 -6.62 -17.23
C PHE A 441 -2.64 -6.19 -17.06
N ASN A 442 -2.98 -5.62 -15.91
CA ASN A 442 -4.34 -5.18 -15.66
C ASN A 442 -5.33 -6.28 -15.97
N THR A 443 -4.98 -7.50 -15.58
CA THR A 443 -5.82 -8.66 -15.82
C THR A 443 -7.20 -8.58 -15.13
N ILE A 444 -8.25 -8.93 -15.87
CA ILE A 444 -9.61 -8.97 -15.34
C ILE A 444 -9.84 -10.47 -15.14
N ASP A 445 -10.08 -10.87 -13.89
CA ASP A 445 -10.31 -12.28 -13.47
C ASP A 445 -11.63 -12.80 -13.99
N ALA A 446 -11.74 -14.11 -14.20
CA ALA A 446 -12.99 -14.67 -14.72
C ALA A 446 -14.01 -15.06 -13.67
N GLU A 447 -13.52 -15.25 -12.44
CA GLU A 447 -14.33 -15.69 -11.29
C GLU A 447 -14.51 -14.55 -10.27
N LYS A 448 -13.40 -13.95 -9.86
CA LYS A 448 -13.41 -12.89 -8.87
C LYS A 448 -13.87 -11.53 -9.37
N ILE A 449 -14.13 -10.64 -8.40
CA ILE A 449 -14.49 -9.25 -8.66
C ILE A 449 -13.13 -8.58 -8.77
N THR A 450 -12.94 -7.79 -9.83
CA THR A 450 -11.68 -7.14 -10.07
C THR A 450 -11.70 -5.64 -9.91
N GLN A 451 -10.79 -5.11 -9.09
CA GLN A 451 -10.67 -3.66 -8.89
C GLN A 451 -9.53 -3.18 -9.79
N LEU A 452 -9.81 -2.15 -10.60
CA LEU A 452 -8.85 -1.54 -11.52
C LEU A 452 -8.62 -0.14 -11.02
N PRO A 453 -7.46 0.09 -10.38
CA PRO A 453 -7.16 1.42 -9.87
C PRO A 453 -7.15 2.39 -11.08
N VAL A 454 -7.74 3.55 -10.91
CA VAL A 454 -7.80 4.50 -12.00
C VAL A 454 -6.39 5.01 -12.49
N VAL A 455 -5.38 4.86 -11.64
CA VAL A 455 -4.01 5.26 -11.96
C VAL A 455 -3.32 4.24 -12.85
N LYS A 456 -4.01 3.14 -13.16
CA LYS A 456 -3.42 2.10 -14.01
C LYS A 456 -3.66 2.41 -15.48
N ALA A 457 -4.40 3.49 -15.74
CA ALA A 457 -4.67 3.95 -17.10
C ALA A 457 -3.34 4.32 -17.69
N TYR A 458 -3.27 4.37 -19.01
CA TYR A 458 -2.02 4.73 -19.65
C TYR A 458 -2.05 6.14 -20.24
N ALA A 459 -3.22 6.77 -20.23
CA ALA A 459 -3.36 8.12 -20.76
C ALA A 459 -4.41 8.84 -19.96
N LEU A 460 -4.35 10.16 -19.93
CA LEU A 460 -5.31 10.98 -19.19
C LEU A 460 -5.63 12.15 -20.08
N SER A 461 -6.77 12.80 -19.86
CA SER A 461 -7.12 13.93 -20.67
C SER A 461 -6.72 15.19 -19.89
N SER A 462 -6.59 16.30 -20.59
CA SER A 462 -6.21 17.60 -20.02
C SER A 462 -7.01 18.00 -18.78
N GLY A 463 -8.26 17.58 -18.72
CA GLY A 463 -9.10 17.98 -17.61
C GLY A 463 -9.09 17.10 -16.39
N ALA A 464 -8.22 16.10 -16.37
CA ALA A 464 -8.14 15.20 -15.25
C ALA A 464 -6.74 15.23 -14.67
N SER A 465 -6.63 15.16 -13.36
CA SER A 465 -5.31 15.15 -12.70
C SER A 465 -5.23 14.06 -11.62
N ILE A 466 -4.05 13.48 -11.45
CA ILE A 466 -3.86 12.47 -10.42
C ILE A 466 -3.52 13.30 -9.18
N ILE A 467 -4.23 13.02 -8.11
CA ILE A 467 -4.11 13.74 -6.87
C ILE A 467 -3.77 12.80 -5.72
N GLU A 468 -3.19 13.32 -4.66
CA GLU A 468 -2.82 12.51 -3.52
C GLU A 468 -4.05 11.93 -2.87
N GLY A 469 -4.02 10.63 -2.57
CA GLY A 469 -5.17 10.00 -1.99
C GLY A 469 -5.43 10.41 -0.55
N PRO A 470 -6.68 10.25 -0.08
CA PRO A 470 -7.15 10.58 1.27
C PRO A 470 -6.43 9.77 2.37
N GLY A 471 -6.03 8.55 2.04
CA GLY A 471 -5.32 7.75 3.01
C GLY A 471 -5.80 6.33 3.14
N PHE A 472 -7.10 6.11 2.92
CA PHE A 472 -7.67 4.77 3.06
C PHE A 472 -7.95 4.05 1.72
N THR A 473 -7.38 4.53 0.62
CA THR A 473 -7.61 3.85 -0.65
C THR A 473 -6.40 3.05 -1.17
N GLY A 474 -5.25 3.08 -0.47
CA GLY A 474 -4.09 2.34 -0.93
C GLY A 474 -3.28 2.93 -2.08
N GLY A 475 -3.60 4.15 -2.49
CA GLY A 475 -2.92 4.84 -3.58
C GLY A 475 -3.51 6.23 -3.87
N ASN A 476 -3.34 6.76 -5.07
CA ASN A 476 -3.89 8.09 -5.38
C ASN A 476 -5.22 8.08 -6.12
N LEU A 477 -5.81 9.25 -6.30
CA LEU A 477 -7.12 9.36 -6.94
C LEU A 477 -7.06 10.20 -8.19
N LEU A 478 -8.11 10.16 -9.00
CA LEU A 478 -8.20 11.00 -10.19
C LEU A 478 -9.22 12.07 -9.88
N PHE A 479 -8.80 13.32 -10.06
CA PHE A 479 -9.67 14.48 -9.82
C PHE A 479 -10.19 14.95 -11.17
N LEU A 480 -11.47 15.22 -11.25
CA LEU A 480 -12.11 15.62 -12.50
C LEU A 480 -12.35 17.11 -12.54
N LYS A 481 -11.64 17.79 -13.44
CA LYS A 481 -11.74 19.23 -13.60
C LYS A 481 -12.58 19.58 -14.83
N GLU A 482 -12.25 18.94 -15.95
CA GLU A 482 -12.99 19.19 -17.18
C GLU A 482 -13.42 17.88 -17.73
N SER A 483 -14.72 17.74 -17.86
CA SER A 483 -15.33 16.54 -18.37
C SER A 483 -15.07 16.43 -19.88
N SER A 484 -14.77 15.23 -20.35
CA SER A 484 -14.52 14.96 -21.75
C SER A 484 -15.00 13.53 -22.02
N ASN A 485 -14.93 13.08 -23.25
CA ASN A 485 -15.36 11.74 -23.54
C ASN A 485 -14.22 10.73 -23.30
N SER A 486 -12.99 11.22 -23.27
CA SER A 486 -11.86 10.36 -23.06
C SER A 486 -11.03 10.86 -21.93
N ILE A 487 -11.65 10.89 -20.76
CA ILE A 487 -11.02 11.30 -19.53
C ILE A 487 -9.79 10.40 -19.29
N ALA A 488 -9.94 9.10 -19.47
CA ALA A 488 -8.85 8.17 -19.28
C ALA A 488 -8.99 6.90 -20.11
N LYS A 489 -7.87 6.36 -20.55
CA LYS A 489 -7.87 5.16 -21.36
C LYS A 489 -7.06 4.09 -20.68
N PHE A 490 -7.52 2.85 -20.78
CA PHE A 490 -6.85 1.72 -20.15
C PHE A 490 -6.79 0.61 -21.16
N LYS A 491 -5.86 -0.29 -20.96
CA LYS A 491 -5.82 -1.50 -21.76
C LYS A 491 -5.83 -2.58 -20.66
N VAL A 492 -6.66 -3.60 -20.83
CA VAL A 492 -6.78 -4.65 -19.84
C VAL A 492 -6.49 -6.01 -20.45
N THR A 493 -6.19 -6.99 -19.60
CA THR A 493 -5.89 -8.35 -20.05
C THR A 493 -6.93 -9.37 -19.59
N LEU A 494 -7.44 -10.17 -20.52
CA LEU A 494 -8.43 -11.19 -20.22
C LEU A 494 -7.91 -12.52 -20.72
N ASN A 495 -8.26 -13.60 -20.05
CA ASN A 495 -7.83 -14.93 -20.47
C ASN A 495 -9.04 -15.56 -21.13
N SER A 496 -8.88 -16.76 -21.69
CA SER A 496 -9.99 -17.44 -22.36
C SER A 496 -11.25 -17.58 -21.53
N ALA A 497 -11.11 -18.02 -20.29
CA ALA A 497 -12.26 -18.16 -19.41
C ALA A 497 -12.86 -16.77 -19.25
N ALA A 498 -12.01 -15.76 -19.11
CA ALA A 498 -12.48 -14.39 -18.92
C ALA A 498 -13.10 -13.77 -20.17
N LEU A 499 -12.75 -14.31 -21.33
CA LEU A 499 -13.28 -13.82 -22.60
C LEU A 499 -14.71 -14.33 -22.87
N LEU A 500 -15.04 -15.52 -22.37
CA LEU A 500 -16.39 -16.09 -22.55
C LEU A 500 -17.41 -15.47 -21.58
N GLN A 501 -16.92 -14.61 -20.71
CA GLN A 501 -17.72 -14.01 -19.65
C GLN A 501 -18.21 -12.60 -19.99
N ARG A 502 -19.26 -12.16 -19.30
CA ARG A 502 -19.75 -10.78 -19.44
C ARG A 502 -19.56 -10.14 -18.07
N TYR A 503 -19.43 -8.82 -18.01
CA TYR A 503 -19.15 -8.15 -16.75
C TYR A 503 -20.02 -6.96 -16.45
N ARG A 504 -20.38 -6.81 -15.18
CA ARG A 504 -21.16 -5.68 -14.69
C ARG A 504 -20.02 -4.78 -14.18
N VAL A 505 -20.17 -3.48 -14.38
CA VAL A 505 -19.17 -2.52 -13.96
C VAL A 505 -19.73 -1.69 -12.81
N ARG A 506 -18.93 -1.54 -11.76
CA ARG A 506 -19.25 -0.74 -10.57
C ARG A 506 -18.12 0.29 -10.45
N ILE A 507 -18.40 1.49 -9.97
CA ILE A 507 -17.35 2.51 -9.86
C ILE A 507 -17.30 3.13 -8.48
N ARG A 508 -16.15 3.05 -7.83
CA ARG A 508 -15.99 3.63 -6.49
C ARG A 508 -15.54 5.07 -6.71
N TYR A 509 -16.36 6.01 -6.24
CA TYR A 509 -16.12 7.43 -6.44
C TYR A 509 -16.59 8.21 -5.24
N ALA A 510 -16.39 9.53 -5.32
CA ALA A 510 -16.81 10.50 -4.31
C ALA A 510 -17.16 11.73 -5.17
N SER A 511 -18.33 12.32 -4.99
CA SER A 511 -18.69 13.44 -5.85
C SER A 511 -19.64 14.41 -5.18
N THR A 512 -19.59 15.67 -5.59
CA THR A 512 -20.48 16.69 -5.03
C THR A 512 -21.75 16.89 -5.85
N THR A 513 -21.91 16.16 -6.96
CA THR A 513 -23.10 16.26 -7.80
C THR A 513 -23.45 14.94 -8.44
N ASN A 514 -24.69 14.85 -8.94
CA ASN A 514 -25.11 13.66 -9.67
C ASN A 514 -24.50 13.98 -11.05
N LEU A 515 -24.20 12.96 -11.83
CA LEU A 515 -23.62 13.17 -13.15
C LEU A 515 -23.68 11.82 -13.84
N ARG A 516 -23.49 11.80 -15.14
CA ARG A 516 -23.48 10.54 -15.86
C ARG A 516 -22.04 10.36 -16.25
N LEU A 517 -21.58 9.13 -16.19
CA LEU A 517 -20.22 8.77 -16.59
C LEU A 517 -20.50 7.78 -17.69
N PHE A 518 -19.52 7.56 -18.54
CA PHE A 518 -19.70 6.61 -19.64
C PHE A 518 -18.50 5.71 -19.62
N VAL A 519 -18.72 4.43 -19.91
CA VAL A 519 -17.64 3.47 -20.00
C VAL A 519 -17.78 2.83 -21.37
N GLN A 520 -16.69 2.76 -22.10
CA GLN A 520 -16.66 2.18 -23.45
C GLN A 520 -15.52 1.21 -23.51
N ASN A 521 -15.65 0.20 -24.34
CA ASN A 521 -14.57 -0.74 -24.51
C ASN A 521 -14.40 -0.85 -26.01
N SER A 522 -13.34 -1.50 -26.48
CA SER A 522 -13.11 -1.60 -27.94
C SER A 522 -14.03 -2.64 -28.61
N ASN A 523 -14.92 -3.23 -27.80
CA ASN A 523 -15.88 -4.23 -28.23
C ASN A 523 -17.16 -3.48 -28.55
N ASN A 524 -17.07 -2.16 -28.53
CA ASN A 524 -18.16 -1.25 -28.83
C ASN A 524 -19.34 -1.24 -27.85
N ASP A 525 -19.07 -1.67 -26.62
CA ASP A 525 -20.09 -1.64 -25.59
C ASP A 525 -19.99 -0.20 -25.13
N PHE A 526 -21.10 0.38 -24.71
CA PHE A 526 -21.14 1.74 -24.24
C PHE A 526 -22.10 1.68 -23.08
N LEU A 527 -21.63 1.98 -21.88
CA LEU A 527 -22.47 1.91 -20.70
C LEU A 527 -22.57 3.28 -20.05
N VAL A 528 -23.73 3.61 -19.55
CA VAL A 528 -23.91 4.90 -18.93
C VAL A 528 -24.07 4.67 -17.46
N ILE A 529 -23.28 5.39 -16.66
CA ILE A 529 -23.30 5.25 -15.21
C ILE A 529 -23.66 6.60 -14.54
N TYR A 530 -24.80 6.64 -13.84
CA TYR A 530 -25.26 7.86 -13.17
C TYR A 530 -24.70 7.82 -11.77
N ILE A 531 -23.83 8.77 -11.41
CA ILE A 531 -23.27 8.81 -10.08
C ILE A 531 -24.06 9.87 -9.30
N ASN A 532 -24.14 9.71 -7.97
CA ASN A 532 -24.89 10.62 -7.12
C ASN A 532 -23.97 11.35 -6.17
N LYS A 533 -24.51 12.44 -5.63
CA LYS A 533 -23.80 13.31 -4.71
C LYS A 533 -23.57 12.53 -3.44
N THR A 534 -22.32 12.46 -2.98
CA THR A 534 -22.01 11.74 -1.78
C THR A 534 -21.52 12.65 -0.65
N MET A 535 -21.16 13.88 -1.00
CA MET A 535 -20.61 14.86 -0.05
C MET A 535 -20.89 16.27 -0.52
N ASN A 536 -20.73 17.24 0.35
CA ASN A 536 -20.93 18.63 -0.04
C ASN A 536 -19.55 19.14 -0.35
N LYS A 537 -19.46 20.24 -1.09
CA LYS A 537 -18.17 20.81 -1.46
C LYS A 537 -17.26 21.07 -0.28
N ASP A 538 -17.81 21.55 0.82
CA ASP A 538 -17.04 21.87 2.00
C ASP A 538 -16.68 20.68 2.89
N ASP A 539 -16.93 19.47 2.41
CA ASP A 539 -16.61 18.27 3.18
C ASP A 539 -15.19 17.78 2.91
N ASP A 540 -14.70 16.94 3.81
CA ASP A 540 -13.40 16.34 3.65
C ASP A 540 -13.63 14.92 3.19
N LEU A 541 -12.63 14.37 2.53
CA LEU A 541 -12.70 13.02 2.03
C LEU A 541 -12.58 11.97 3.12
N THR A 542 -13.69 11.67 3.78
CA THR A 542 -13.65 10.65 4.79
C THR A 542 -14.24 9.36 4.20
N TYR A 543 -14.20 8.29 4.98
CA TYR A 543 -14.70 7.02 4.53
C TYR A 543 -16.10 7.14 3.94
N GLN A 544 -17.03 7.75 4.67
CA GLN A 544 -18.40 7.88 4.16
C GLN A 544 -18.60 8.70 2.87
N THR A 545 -17.59 9.46 2.42
CA THR A 545 -17.73 10.23 1.19
C THR A 545 -17.63 9.36 -0.10
N PHE A 546 -17.14 8.12 -0.01
CA PHE A 546 -17.04 7.30 -1.19
C PHE A 546 -18.22 6.35 -1.27
N ASP A 547 -18.57 5.98 -2.50
CA ASP A 547 -19.70 5.12 -2.73
C ASP A 547 -19.48 4.31 -4.00
N LEU A 548 -20.46 3.47 -4.33
CA LEU A 548 -20.43 2.60 -5.51
C LEU A 548 -21.62 2.84 -6.42
N ALA A 549 -21.31 3.26 -7.64
CA ALA A 549 -22.30 3.53 -8.65
C ALA A 549 -22.15 2.40 -9.64
N THR A 550 -23.26 1.86 -10.13
CA THR A 550 -23.22 0.78 -11.12
C THR A 550 -24.33 0.93 -12.18
N THR A 551 -24.31 0.04 -13.15
CA THR A 551 -25.30 0.07 -14.20
C THR A 551 -25.82 -1.35 -14.28
N ASN A 552 -27.01 -1.49 -14.84
CA ASN A 552 -27.61 -2.81 -14.95
C ASN A 552 -27.33 -3.47 -16.30
N SER A 553 -26.53 -2.81 -17.13
CA SER A 553 -26.16 -3.37 -18.43
C SER A 553 -24.75 -3.85 -18.25
N ASN A 554 -24.39 -4.94 -18.90
CA ASN A 554 -23.05 -5.43 -18.76
C ASN A 554 -22.27 -5.33 -20.07
N MET A 555 -20.97 -5.59 -19.98
CA MET A 555 -20.11 -5.53 -21.14
C MET A 555 -19.26 -6.79 -21.26
N GLY A 556 -18.81 -7.07 -22.47
CA GLY A 556 -17.99 -8.23 -22.72
C GLY A 556 -16.81 -7.75 -23.52
N PHE A 557 -15.83 -8.63 -23.65
CA PHE A 557 -14.59 -8.32 -24.36
C PHE A 557 -14.30 -9.34 -25.44
N SER A 558 -13.37 -9.02 -26.34
CA SER A 558 -12.98 -9.91 -27.43
C SER A 558 -11.48 -9.88 -27.74
N GLY A 559 -10.93 -11.06 -28.03
CA GLY A 559 -9.52 -11.16 -28.38
C GLY A 559 -8.52 -10.60 -27.39
N ASP A 560 -7.34 -10.27 -27.91
CA ASP A 560 -6.25 -9.75 -27.09
C ASP A 560 -5.95 -8.24 -27.05
N LYS A 561 -6.70 -7.43 -27.82
CA LYS A 561 -6.48 -5.97 -27.83
C LYS A 561 -7.69 -5.22 -27.21
N ASN A 562 -7.85 -5.40 -25.91
CA ASN A 562 -8.95 -4.80 -25.19
C ASN A 562 -8.58 -3.50 -24.53
N GLU A 563 -9.35 -2.47 -24.84
CA GLU A 563 -9.12 -1.13 -24.32
C GLU A 563 -10.42 -0.63 -23.70
N LEU A 564 -10.29 0.27 -22.73
CA LEU A 564 -11.41 0.81 -22.00
C LEU A 564 -11.21 2.32 -21.86
N ILE A 565 -12.26 3.10 -22.10
CA ILE A 565 -12.19 4.56 -21.99
C ILE A 565 -13.30 4.95 -21.05
N ILE A 566 -13.04 5.96 -20.22
CA ILE A 566 -14.06 6.47 -19.30
C ILE A 566 -14.30 7.89 -19.80
N GLY A 567 -15.56 8.28 -19.92
CA GLY A 567 -15.88 9.61 -20.36
C GLY A 567 -16.85 10.18 -19.35
N ALA A 568 -17.24 11.44 -19.50
CA ALA A 568 -18.18 12.03 -18.56
C ALA A 568 -18.89 13.14 -19.31
N GLU A 569 -19.97 13.62 -18.73
CA GLU A 569 -20.74 14.70 -19.33
C GLU A 569 -20.34 15.93 -18.56
N SER A 570 -20.62 17.07 -19.14
CA SER A 570 -20.25 18.31 -18.53
C SER A 570 -20.92 18.63 -17.20
N PHE A 571 -20.17 19.32 -16.33
CA PHE A 571 -20.64 19.75 -15.01
C PHE A 571 -20.04 21.14 -14.80
N VAL A 572 -20.60 21.93 -13.87
CA VAL A 572 -20.05 23.27 -13.66
C VAL A 572 -18.79 23.20 -12.84
N SER A 573 -17.86 24.09 -13.11
CA SER A 573 -16.61 24.11 -12.35
C SER A 573 -16.93 24.39 -10.88
N ASN A 574 -16.08 23.89 -9.98
CA ASN A 574 -16.35 24.10 -8.58
C ASN A 574 -16.92 22.85 -7.93
N GLU A 575 -17.41 21.93 -8.75
CA GLU A 575 -17.94 20.68 -8.22
C GLU A 575 -16.77 19.71 -8.23
N LYS A 576 -16.62 18.96 -7.15
CA LYS A 576 -15.51 18.03 -7.07
C LYS A 576 -15.95 16.61 -7.33
N ILE A 577 -15.21 15.92 -8.18
CA ILE A 577 -15.50 14.54 -8.51
C ILE A 577 -14.20 13.79 -8.43
N TYR A 578 -14.17 12.76 -7.59
CA TYR A 578 -12.97 11.94 -7.38
C TYR A 578 -13.31 10.50 -7.77
N ILE A 579 -12.47 9.88 -8.59
CA ILE A 579 -12.73 8.52 -8.97
C ILE A 579 -11.55 7.73 -8.44
N ASP A 580 -11.83 6.53 -7.93
CA ASP A 580 -10.80 5.68 -7.32
C ASP A 580 -10.60 4.32 -8.04
N LYS A 581 -11.64 3.47 -8.07
CA LYS A 581 -11.54 2.15 -8.71
C LYS A 581 -12.68 1.82 -9.66
N ILE A 582 -12.37 1.02 -10.68
CA ILE A 582 -13.35 0.55 -11.64
C ILE A 582 -13.42 -0.91 -11.23
N GLU A 583 -14.61 -1.41 -10.92
CA GLU A 583 -14.74 -2.83 -10.51
C GLU A 583 -15.48 -3.68 -11.54
N PHE A 584 -14.98 -4.88 -11.79
CA PHE A 584 -15.60 -5.81 -12.73
C PHE A 584 -16.16 -6.98 -12.01
N ILE A 585 -17.46 -7.20 -12.19
CA ILE A 585 -18.16 -8.29 -11.57
C ILE A 585 -18.55 -9.25 -12.68
N PRO A 586 -18.17 -10.55 -12.61
CA PRO A 586 -18.52 -11.51 -13.66
C PRO A 586 -19.99 -11.89 -13.59
N VAL A 587 -20.78 -11.37 -14.53
CA VAL A 587 -22.21 -11.63 -14.58
C VAL A 587 -22.49 -13.06 -14.94
N GLN A 588 -22.84 -13.85 -13.94
CA GLN A 588 -23.14 -15.27 -14.15
C GLN A 588 -24.65 -15.53 -14.23
N LEU A 589 -25.23 -15.11 -15.34
CA LEU A 589 -26.67 -15.25 -15.58
C LEU A 589 -27.17 -16.70 -15.62
#